data_7O20
#
_entry.id   7O20
#
_cell.length_a   130.316
_cell.length_b   130.316
_cell.length_c   156.037
_cell.angle_alpha   90.000
_cell.angle_beta   90.000
_cell.angle_gamma   120.000
#
_symmetry.space_group_name_H-M   'P 65 2 2'
#
loop_
_entity.id
_entity.type
_entity.pdbx_description
1 polymer Furin
2 non-polymer [azanyl-[(2E)-2-(1-phenylethylidene)hydrazinyl]methylidene]azanium
3 non-polymer 'CALCIUM ION'
4 non-polymer 'SODIUM ION'
5 non-polymer 'CHLORIDE ION'
6 non-polymer 'DIMETHYL SULFOXIDE'
7 non-polymer 2-acetamido-2-deoxy-beta-D-glucopyranose
8 water water
#
_entity_poly.entity_id   1
_entity_poly.type   'polypeptide(L)'
_entity_poly.pdbx_seq_one_letter_code
;DVYQEPTDPKFPQQWYLSGVTQRDLNVKAAWAQGYTGHGIVVSILDDGIEKNHPDLAGNYDPGASFDVNDQDPDPQPRYT
QMNDNRHGTRCAGEVAAVANNGVCGVGVAYNARIGGVRMLDGEVTDAVEARSLGLNPNHIHIYSASWGPEDDGKTVDGPA
RLAEEAFFRGVSQGRGGLGSIFVWASGNGGREHDSCNCDGYTNSIYTLSISSATQFGNVPWYSEACSSTLATTYSSGNQN
EKQIVTTDLRQKCTESHTGTSASAPLAAGIIALTLEANKNLTWRDMQHLVVQTSKPAHLNANDWATNGVGRKVSHSYGYG
LLDAGAMVALAQNWTTVAPQRKCIIDILTEPKDIGKRLEVRKTVTACLGEPNHITRLEHAQARLTLSYNRRGDLAIHLVS
PMGTRSTLLAARPHDYSADGFNDWAFMTTHSWDEDPSGEWVLEIENTSEANNYGTLTKFTLVLYGTASGSLVPRGSHHHH
;
_entity_poly.pdbx_strand_id   A
#
loop_
_chem_comp.id
_chem_comp.type
_chem_comp.name
_chem_comp.formula
CA non-polymer 'CALCIUM ION' 'Ca 2'
CL non-polymer 'CHLORIDE ION' 'Cl -1'
DMS non-polymer 'DIMETHYL SULFOXIDE' 'C2 H6 O S'
NA non-polymer 'SODIUM ION' 'Na 1'
NAG D-saccharide, beta linking 2-acetamido-2-deoxy-beta-D-glucopyranose 'C8 H15 N O6'
UYT non-polymer [azanyl-[(2E)-2-(1-phenylethylidene)hydrazinyl]methylidene]azanium 'C9 H13 N4 1'
#
# COMPACT_ATOMS: atom_id res chain seq x y z
N TYR A 3 -12.02 -24.35 -17.33
CA TYR A 3 -11.31 -24.26 -16.05
C TYR A 3 -12.14 -24.89 -14.93
N GLN A 4 -11.46 -25.55 -13.99
CA GLN A 4 -12.15 -26.12 -12.84
C GLN A 4 -11.59 -25.54 -11.54
N GLU A 5 -12.47 -25.52 -10.55
CA GLU A 5 -12.16 -25.11 -9.20
C GLU A 5 -10.96 -25.85 -8.63
N PRO A 6 -10.08 -25.19 -7.87
CA PRO A 6 -9.01 -25.92 -7.19
C PRO A 6 -9.54 -27.01 -6.27
N THR A 7 -8.77 -28.09 -6.17
CA THR A 7 -9.12 -29.25 -5.37
C THR A 7 -8.38 -29.29 -4.03
N ASP A 8 -7.50 -28.32 -3.76
CA ASP A 8 -6.69 -28.38 -2.57
C ASP A 8 -7.56 -28.47 -1.32
N PRO A 9 -7.09 -29.19 -0.30
CA PRO A 9 -7.96 -29.51 0.84
C PRO A 9 -8.49 -28.30 1.57
N LYS A 10 -7.71 -27.22 1.63
N LYS A 10 -7.71 -27.22 1.63
CA LYS A 10 -8.12 -26.04 2.39
CA LYS A 10 -8.12 -26.04 2.39
C LYS A 10 -8.69 -24.94 1.51
C LYS A 10 -8.68 -24.93 1.51
N PHE A 11 -8.79 -25.15 0.19
CA PHE A 11 -9.34 -24.12 -0.67
C PHE A 11 -10.73 -23.68 -0.20
N PRO A 12 -11.60 -24.58 0.27
CA PRO A 12 -12.90 -24.12 0.79
C PRO A 12 -12.79 -23.18 1.97
N GLN A 13 -11.70 -23.26 2.74
CA GLN A 13 -11.48 -22.36 3.86
C GLN A 13 -10.95 -21.01 3.44
N GLN A 14 -10.55 -20.86 2.17
CA GLN A 14 -10.02 -19.59 1.64
C GLN A 14 -11.21 -18.76 1.15
N TRP A 15 -12.00 -18.34 2.14
CA TRP A 15 -13.27 -17.66 1.90
C TRP A 15 -13.12 -16.40 1.05
N TYR A 16 -11.99 -15.71 1.16
CA TYR A 16 -11.74 -14.48 0.40
C TYR A 16 -11.47 -14.77 -1.08
N LEU A 17 -11.24 -16.03 -1.45
CA LEU A 17 -11.18 -16.51 -2.82
C LEU A 17 -12.36 -17.38 -3.24
N SER A 18 -12.75 -18.33 -2.41
CA SER A 18 -13.71 -19.33 -2.85
C SER A 18 -15.15 -18.95 -2.54
N GLY A 19 -15.37 -17.76 -1.95
CA GLY A 19 -16.70 -17.38 -1.55
C GLY A 19 -17.66 -17.38 -2.72
N VAL A 20 -18.90 -17.77 -2.43
CA VAL A 20 -19.99 -17.71 -3.41
C VAL A 20 -21.08 -16.76 -2.94
N THR A 21 -20.75 -15.86 -2.02
CA THR A 21 -21.69 -14.92 -1.43
C THR A 21 -21.32 -13.47 -1.74
N GLN A 22 -20.37 -13.26 -2.67
CA GLN A 22 -19.90 -11.96 -3.15
C GLN A 22 -19.06 -11.19 -2.12
N ARG A 23 -18.78 -11.78 -0.97
CA ARG A 23 -17.78 -11.22 -0.06
C ARG A 23 -16.41 -11.84 -0.34
N ASP A 24 -15.90 -11.58 -1.54
CA ASP A 24 -14.60 -12.11 -1.92
C ASP A 24 -13.91 -11.18 -2.92
N LEU A 25 -12.68 -11.54 -3.30
CA LEU A 25 -11.84 -10.70 -4.14
C LEU A 25 -12.06 -10.97 -5.63
N ASN A 26 -13.08 -11.75 -5.99
CA ASN A 26 -13.44 -12.01 -7.39
C ASN A 26 -12.26 -12.58 -8.16
N VAL A 27 -11.56 -13.54 -7.53
CA VAL A 27 -10.37 -14.14 -8.14
C VAL A 27 -10.74 -15.27 -9.09
N LYS A 28 -11.77 -16.05 -8.76
N LYS A 28 -11.77 -16.04 -8.77
CA LYS A 28 -12.18 -17.11 -9.69
CA LYS A 28 -12.17 -17.12 -9.68
C LYS A 28 -12.50 -16.54 -11.05
C LYS A 28 -12.54 -16.56 -11.05
N ALA A 29 -13.09 -15.34 -11.08
CA ALA A 29 -13.42 -14.70 -12.36
C ALA A 29 -12.17 -14.43 -13.18
N ALA A 30 -11.07 -14.08 -12.54
CA ALA A 30 -9.82 -13.92 -13.27
C ALA A 30 -9.27 -15.28 -13.72
N TRP A 31 -9.26 -16.25 -12.80
CA TRP A 31 -8.82 -17.58 -13.20
C TRP A 31 -9.60 -18.09 -14.41
N ALA A 32 -10.93 -17.86 -14.40
CA ALA A 32 -11.76 -18.34 -15.52
C ALA A 32 -11.44 -17.61 -16.82
N GLN A 33 -10.95 -16.38 -16.76
CA GLN A 33 -10.50 -15.70 -17.97
C GLN A 33 -9.16 -16.25 -18.47
N GLY A 34 -8.53 -17.17 -17.74
CA GLY A 34 -7.27 -17.76 -18.14
C GLY A 34 -6.02 -17.27 -17.43
N TYR A 35 -6.16 -16.43 -16.41
CA TYR A 35 -5.03 -15.73 -15.79
C TYR A 35 -4.72 -16.35 -14.45
N THR A 36 -3.48 -16.79 -14.30
CA THR A 36 -3.02 -17.51 -13.12
C THR A 36 -1.69 -17.02 -12.60
N GLY A 37 -1.05 -16.04 -13.25
CA GLY A 37 0.27 -15.58 -12.87
C GLY A 37 1.41 -16.20 -13.65
N HIS A 38 1.11 -17.04 -14.63
CA HIS A 38 2.16 -17.64 -15.44
C HIS A 38 3.07 -16.56 -16.01
N GLY A 39 4.37 -16.73 -15.83
CA GLY A 39 5.36 -15.82 -16.33
C GLY A 39 5.67 -14.63 -15.44
N ILE A 40 4.97 -14.46 -14.33
CA ILE A 40 5.18 -13.31 -13.43
C ILE A 40 6.01 -13.77 -12.24
N VAL A 41 6.82 -12.86 -11.71
CA VAL A 41 7.75 -13.16 -10.61
C VAL A 41 7.47 -12.20 -9.47
N VAL A 42 7.22 -12.72 -8.28
CA VAL A 42 6.90 -11.93 -7.10
C VAL A 42 7.90 -12.28 -6.01
N SER A 43 8.35 -11.28 -5.25
CA SER A 43 9.27 -11.49 -4.14
C SER A 43 8.72 -10.90 -2.84
N ILE A 44 8.82 -11.69 -1.77
CA ILE A 44 8.33 -11.32 -0.45
C ILE A 44 9.53 -10.79 0.33
N LEU A 45 9.50 -9.53 0.71
CA LEU A 45 10.61 -8.90 1.44
C LEU A 45 10.25 -9.00 2.92
N ASP A 46 10.80 -9.99 3.62
CA ASP A 46 10.37 -10.25 4.99
C ASP A 46 11.43 -11.05 5.73
N ASP A 47 11.04 -12.09 6.48
CA ASP A 47 11.95 -12.81 7.37
C ASP A 47 12.48 -14.09 6.75
N GLY A 48 12.33 -14.26 5.44
CA GLY A 48 12.76 -15.47 4.75
C GLY A 48 11.61 -16.24 4.14
N ILE A 49 11.95 -17.32 3.43
CA ILE A 49 10.94 -18.15 2.80
C ILE A 49 11.41 -19.60 2.86
N GLU A 50 10.52 -20.49 3.31
CA GLU A 50 10.81 -21.92 3.36
C GLU A 50 10.65 -22.46 1.94
N LYS A 51 11.76 -22.45 1.21
CA LYS A 51 11.71 -22.73 -0.23
C LYS A 51 11.36 -24.19 -0.52
N ASN A 52 11.56 -25.08 0.45
CA ASN A 52 11.24 -26.49 0.31
C ASN A 52 9.85 -26.83 0.85
N HIS A 53 9.04 -25.83 1.17
CA HIS A 53 7.67 -26.12 1.59
C HIS A 53 6.95 -26.84 0.47
N PRO A 54 6.19 -27.89 0.77
CA PRO A 54 5.54 -28.66 -0.30
C PRO A 54 4.51 -27.87 -1.11
N ASP A 55 4.02 -26.72 -0.60
CA ASP A 55 3.11 -25.89 -1.40
C ASP A 55 3.82 -24.69 -2.03
N LEU A 56 5.13 -24.52 -1.81
CA LEU A 56 5.90 -23.47 -2.45
C LEU A 56 6.96 -23.97 -3.43
N ALA A 57 7.49 -25.18 -3.20
CA ALA A 57 8.70 -25.59 -3.92
C ALA A 57 8.52 -25.55 -5.42
N GLY A 58 7.33 -25.97 -5.89
CA GLY A 58 7.07 -26.02 -7.33
C GLY A 58 7.10 -24.67 -8.01
N ASN A 59 6.87 -23.59 -7.25
CA ASN A 59 6.89 -22.25 -7.81
C ASN A 59 8.08 -21.43 -7.33
N TYR A 60 8.95 -22.00 -6.49
CA TYR A 60 10.04 -21.23 -5.91
C TYR A 60 11.01 -20.78 -6.99
N ASP A 61 11.49 -19.55 -6.86
CA ASP A 61 12.40 -18.94 -7.83
C ASP A 61 13.62 -18.38 -7.10
N PRO A 62 14.76 -19.03 -7.20
CA PRO A 62 15.98 -18.49 -6.56
C PRO A 62 16.36 -17.12 -7.07
N GLY A 63 15.99 -16.81 -8.32
CA GLY A 63 16.27 -15.50 -8.87
C GLY A 63 15.46 -14.38 -8.26
N ALA A 64 14.42 -14.72 -7.51
CA ALA A 64 13.61 -13.76 -6.79
C ALA A 64 13.96 -13.71 -5.30
N SER A 65 15.12 -14.26 -4.93
CA SER A 65 15.42 -14.52 -3.53
C SER A 65 16.85 -14.14 -3.17
N PHE A 66 17.05 -13.80 -1.92
CA PHE A 66 18.39 -13.53 -1.41
C PHE A 66 18.28 -13.45 0.10
N ASP A 67 19.42 -13.61 0.78
CA ASP A 67 19.49 -13.47 2.23
C ASP A 67 20.37 -12.25 2.51
N VAL A 68 19.71 -11.11 2.75
CA VAL A 68 20.44 -9.88 3.03
C VAL A 68 20.98 -9.87 4.45
N ASN A 69 20.32 -10.56 5.39
CA ASN A 69 20.79 -10.55 6.78
C ASN A 69 22.13 -11.24 6.91
N ASP A 70 22.32 -12.38 6.24
CA ASP A 70 23.55 -13.16 6.32
C ASP A 70 24.40 -13.04 5.06
N GLN A 71 23.96 -12.28 4.07
CA GLN A 71 24.71 -12.06 2.83
C GLN A 71 25.03 -13.38 2.15
N ASP A 72 23.98 -14.07 1.73
CA ASP A 72 24.10 -15.30 0.96
C ASP A 72 22.84 -15.45 0.11
N PRO A 73 22.85 -16.36 -0.86
CA PRO A 73 21.72 -16.44 -1.80
C PRO A 73 20.50 -17.14 -1.24
N ASP A 74 20.62 -17.80 -0.08
CA ASP A 74 19.63 -18.76 0.39
C ASP A 74 18.78 -18.12 1.47
N PRO A 75 17.47 -17.83 1.20
CA PRO A 75 16.63 -17.11 2.15
C PRO A 75 15.93 -17.98 3.17
N GLN A 76 16.40 -19.22 3.33
CA GLN A 76 15.73 -20.13 4.25
C GLN A 76 15.58 -19.47 5.62
N PRO A 77 14.43 -19.58 6.26
CA PRO A 77 14.26 -18.94 7.57
C PRO A 77 15.13 -19.59 8.64
N ARG A 78 15.39 -18.81 9.68
CA ARG A 78 16.02 -19.30 10.89
C ARG A 78 14.97 -19.93 11.81
N TYR A 79 15.10 -21.22 12.04
CA TYR A 79 14.11 -21.95 12.83
C TYR A 79 14.33 -21.73 14.33
N THR A 80 13.25 -21.43 15.05
CA THR A 80 13.30 -21.16 16.48
C THR A 80 12.12 -21.80 17.19
N GLN A 81 12.24 -21.91 18.52
N GLN A 81 12.24 -21.89 18.52
CA GLN A 81 11.22 -22.60 19.31
CA GLN A 81 11.24 -22.57 19.34
C GLN A 81 9.86 -21.92 19.20
C GLN A 81 9.88 -21.91 19.26
N MET A 82 9.84 -20.61 19.01
CA MET A 82 8.58 -19.87 18.87
C MET A 82 8.18 -19.60 17.43
N ASN A 83 8.92 -20.15 16.46
CA ASN A 83 8.57 -19.98 15.04
C ASN A 83 8.49 -18.51 14.65
N ASP A 84 9.45 -17.74 15.15
CA ASP A 84 9.45 -16.30 14.92
C ASP A 84 9.51 -15.95 13.44
N ASN A 85 10.23 -16.73 12.65
CA ASN A 85 10.53 -16.35 11.26
C ASN A 85 9.63 -17.07 10.26
N ARG A 86 8.33 -17.11 10.57
CA ARG A 86 7.35 -17.80 9.73
C ARG A 86 6.61 -16.86 8.79
N HIS A 87 6.78 -15.56 8.93
CA HIS A 87 5.85 -14.62 8.30
C HIS A 87 6.04 -14.59 6.79
N GLY A 88 7.29 -14.59 6.31
CA GLY A 88 7.54 -14.57 4.89
C GLY A 88 6.97 -15.79 4.18
N THR A 89 7.05 -16.95 4.83
CA THR A 89 6.48 -18.16 4.26
C THR A 89 4.97 -18.08 4.18
N ARG A 90 4.34 -17.52 5.21
CA ARG A 90 2.90 -17.32 5.14
C ARG A 90 2.55 -16.42 3.97
N CYS A 91 3.25 -15.30 3.84
CA CYS A 91 2.93 -14.36 2.77
C CYS A 91 3.18 -14.95 1.39
N ALA A 92 4.27 -15.73 1.24
CA ALA A 92 4.58 -16.31 -0.05
C ALA A 92 3.44 -17.21 -0.55
N GLY A 93 2.88 -18.01 0.36
CA GLY A 93 1.79 -18.91 -0.02
C GLY A 93 0.54 -18.16 -0.44
N GLU A 94 0.30 -16.98 0.15
CA GLU A 94 -0.86 -16.21 -0.23
C GLU A 94 -0.79 -15.84 -1.70
N VAL A 95 0.42 -15.51 -2.18
CA VAL A 95 0.61 -15.10 -3.57
C VAL A 95 0.55 -16.30 -4.50
N ALA A 96 1.27 -17.39 -4.13
CA ALA A 96 1.65 -18.36 -5.16
C ALA A 96 1.74 -19.77 -4.63
N ALA A 97 0.99 -20.11 -3.59
CA ALA A 97 0.92 -21.53 -3.20
C ALA A 97 0.44 -22.36 -4.38
N VAL A 98 1.08 -23.52 -4.56
CA VAL A 98 0.79 -24.40 -5.69
C VAL A 98 -0.64 -24.92 -5.59
N ALA A 99 -1.27 -25.08 -6.76
CA ALA A 99 -2.67 -25.47 -6.83
C ALA A 99 -2.80 -26.93 -7.25
N ASN A 100 -3.90 -27.56 -6.79
CA ASN A 100 -4.30 -28.91 -7.20
C ASN A 100 -3.24 -29.95 -6.88
N ASN A 101 -2.59 -29.81 -5.72
CA ASN A 101 -1.52 -30.72 -5.32
C ASN A 101 -1.81 -31.40 -3.98
N GLY A 102 -3.05 -31.36 -3.52
CA GLY A 102 -3.41 -32.01 -2.27
C GLY A 102 -2.80 -31.42 -1.02
N VAL A 103 -2.28 -30.20 -1.07
CA VAL A 103 -1.58 -29.57 0.05
C VAL A 103 -2.18 -28.18 0.31
N CYS A 104 -2.59 -27.94 1.56
N CYS A 104 -2.52 -27.91 1.57
CA CYS A 104 -3.06 -26.64 2.06
CA CYS A 104 -2.96 -26.60 2.07
C CYS A 104 -4.06 -26.05 1.07
C CYS A 104 -4.02 -26.03 1.11
N GLY A 105 -3.90 -24.78 0.67
CA GLY A 105 -4.84 -24.18 -0.27
C GLY A 105 -4.11 -23.77 -1.53
N VAL A 106 -4.42 -22.60 -2.07
CA VAL A 106 -3.76 -22.12 -3.29
C VAL A 106 -3.40 -20.66 -3.14
N GLY A 107 -2.44 -20.23 -3.96
CA GLY A 107 -2.18 -18.80 -4.08
C GLY A 107 -3.12 -18.12 -5.05
N VAL A 108 -3.28 -16.80 -4.88
CA VAL A 108 -4.04 -16.01 -5.84
C VAL A 108 -3.49 -16.21 -7.25
N ALA A 109 -2.16 -16.19 -7.37
CA ALA A 109 -1.47 -16.37 -8.64
C ALA A 109 -0.69 -17.68 -8.58
N TYR A 110 -1.44 -18.79 -8.65
CA TYR A 110 -0.84 -20.06 -8.28
C TYR A 110 0.10 -20.63 -9.33
N ASN A 111 0.30 -19.95 -10.45
CA ASN A 111 1.34 -20.30 -11.41
C ASN A 111 2.44 -19.27 -11.53
N ALA A 112 2.41 -18.22 -10.71
CA ALA A 112 3.52 -17.29 -10.69
C ALA A 112 4.73 -17.93 -10.04
N ARG A 113 5.90 -17.35 -10.29
CA ARG A 113 7.09 -17.73 -9.57
C ARG A 113 7.20 -16.84 -8.33
N ILE A 114 7.72 -17.40 -7.25
CA ILE A 114 7.68 -16.78 -5.94
C ILE A 114 9.05 -16.91 -5.31
N GLY A 115 9.56 -15.78 -4.80
CA GLY A 115 10.78 -15.76 -4.03
C GLY A 115 10.63 -14.98 -2.74
N GLY A 116 11.70 -15.00 -1.96
CA GLY A 116 11.71 -14.26 -0.71
C GLY A 116 13.06 -13.66 -0.46
N VAL A 117 13.07 -12.47 0.13
CA VAL A 117 14.30 -11.85 0.62
C VAL A 117 14.30 -11.94 2.14
N ARG A 118 15.30 -12.61 2.69
CA ARG A 118 15.47 -12.67 4.14
C ARG A 118 16.18 -11.38 4.54
N MET A 119 15.41 -10.43 5.06
CA MET A 119 15.98 -9.13 5.43
C MET A 119 15.47 -8.56 6.75
N LEU A 120 14.48 -9.16 7.41
CA LEU A 120 14.02 -8.63 8.68
C LEU A 120 14.66 -9.33 9.89
N ASP A 121 15.38 -10.43 9.68
CA ASP A 121 15.95 -11.22 10.78
C ASP A 121 17.40 -10.79 11.04
N GLY A 122 17.50 -9.59 11.61
CA GLY A 122 18.78 -8.94 11.79
C GLY A 122 18.56 -7.44 11.97
N GLU A 123 19.66 -6.71 12.03
CA GLU A 123 19.57 -5.26 12.15
C GLU A 123 19.12 -4.70 10.79
N VAL A 124 17.98 -4.02 10.75
CA VAL A 124 17.40 -3.55 9.50
C VAL A 124 17.82 -2.10 9.32
N THR A 125 18.93 -1.90 8.62
CA THR A 125 19.45 -0.59 8.29
C THR A 125 18.90 -0.10 6.97
N ASP A 126 19.20 1.16 6.66
CA ASP A 126 18.85 1.73 5.35
C ASP A 126 19.47 0.89 4.23
N ALA A 127 20.73 0.50 4.37
CA ALA A 127 21.36 -0.33 3.35
C ALA A 127 20.66 -1.68 3.19
N VAL A 128 20.23 -2.30 4.30
CA VAL A 128 19.52 -3.59 4.20
C VAL A 128 18.22 -3.41 3.41
N GLU A 129 17.46 -2.37 3.75
CA GLU A 129 16.22 -2.09 3.01
C GLU A 129 16.49 -1.87 1.53
N ALA A 130 17.49 -1.06 1.21
CA ALA A 130 17.74 -0.70 -0.18
C ALA A 130 18.19 -1.90 -0.98
N ARG A 131 19.05 -2.73 -0.38
CA ARG A 131 19.52 -3.94 -1.07
C ARG A 131 18.37 -4.90 -1.34
N SER A 132 17.34 -4.89 -0.49
CA SER A 132 16.17 -5.73 -0.69
C SER A 132 15.24 -5.18 -1.77
N LEU A 133 14.91 -3.89 -1.68
CA LEU A 133 14.07 -3.24 -2.69
C LEU A 133 14.69 -3.29 -4.05
N GLY A 134 16.01 -3.25 -4.13
CA GLY A 134 16.71 -3.26 -5.39
C GLY A 134 17.14 -4.63 -5.88
N LEU A 135 16.62 -5.71 -5.30
CA LEU A 135 17.06 -7.03 -5.72
C LEU A 135 16.56 -7.35 -7.12
N ASN A 136 17.50 -7.63 -8.01
CA ASN A 136 17.23 -8.21 -9.32
C ASN A 136 16.00 -7.57 -10.00
N PRO A 137 16.02 -6.26 -10.21
CA PRO A 137 14.82 -5.55 -10.65
C PRO A 137 14.45 -5.74 -12.12
N ASN A 138 15.23 -6.43 -12.91
CA ASN A 138 14.80 -6.82 -14.24
C ASN A 138 14.36 -8.26 -14.32
N HIS A 139 14.32 -8.94 -13.19
CA HIS A 139 13.75 -10.27 -13.09
C HIS A 139 12.47 -10.27 -12.23
N ILE A 140 12.53 -9.63 -11.06
CA ILE A 140 11.37 -9.58 -10.19
C ILE A 140 10.43 -8.49 -10.70
N HIS A 141 9.15 -8.82 -10.87
CA HIS A 141 8.20 -7.84 -11.32
C HIS A 141 7.55 -7.08 -10.18
N ILE A 142 7.18 -7.79 -9.12
CA ILE A 142 6.37 -7.31 -8.03
C ILE A 142 7.04 -7.66 -6.70
N TYR A 143 7.16 -6.65 -5.85
CA TYR A 143 7.67 -6.79 -4.49
C TYR A 143 6.53 -6.60 -3.50
N SER A 144 6.54 -7.38 -2.41
CA SER A 144 5.55 -7.29 -1.37
C SER A 144 6.22 -7.07 -0.03
N ALA A 145 5.78 -6.05 0.70
CA ALA A 145 6.41 -5.70 1.97
C ALA A 145 5.38 -5.12 2.93
N SER A 146 5.58 -5.38 4.22
CA SER A 146 4.68 -4.82 5.23
C SER A 146 5.44 -4.23 6.41
N TRP A 147 6.72 -3.95 6.23
CA TRP A 147 7.53 -3.32 7.24
C TRP A 147 7.64 -1.82 7.04
N GLY A 148 8.13 -1.15 8.06
CA GLY A 148 8.14 0.29 8.13
C GLY A 148 8.44 0.69 9.55
N PRO A 149 8.22 1.96 9.88
CA PRO A 149 8.55 2.42 11.23
C PRO A 149 7.58 1.84 12.26
N GLU A 150 7.99 1.92 13.52
N GLU A 150 8.00 1.90 13.52
CA GLU A 150 7.20 1.37 14.61
CA GLU A 150 7.20 1.36 14.60
C GLU A 150 5.77 1.87 14.53
C GLU A 150 5.77 1.87 14.51
N ASP A 151 4.82 0.96 14.70
CA ASP A 151 3.40 1.31 14.71
C ASP A 151 2.95 1.68 16.12
N ASP A 152 3.71 2.57 16.78
CA ASP A 152 3.40 2.95 18.14
C ASP A 152 2.52 4.19 18.23
N GLY A 153 2.16 4.79 17.11
CA GLY A 153 1.32 5.97 17.14
C GLY A 153 2.03 7.21 17.55
N LYS A 154 3.36 7.18 17.62
CA LYS A 154 4.10 8.39 17.93
C LYS A 154 5.30 8.62 17.01
N THR A 155 5.52 7.77 16.02
CA THR A 155 6.70 7.85 15.19
C THR A 155 6.35 8.51 13.86
N VAL A 156 7.24 9.38 13.39
CA VAL A 156 7.16 9.91 12.02
C VAL A 156 8.49 9.55 11.38
N ASP A 157 8.48 8.63 10.42
CA ASP A 157 9.73 8.19 9.81
C ASP A 157 9.38 7.50 8.51
N GLY A 158 10.39 7.38 7.65
CA GLY A 158 10.22 6.72 6.37
C GLY A 158 11.56 6.28 5.81
N PRO A 159 11.60 5.94 4.53
CA PRO A 159 12.87 5.48 3.94
C PRO A 159 13.95 6.55 4.06
N ALA A 160 15.13 6.13 4.48
CA ALA A 160 16.28 7.02 4.43
C ALA A 160 16.84 7.04 2.99
N ARG A 161 18.05 7.60 2.81
CA ARG A 161 18.49 7.94 1.45
C ARG A 161 18.60 6.71 0.55
N LEU A 162 19.27 5.65 1.02
CA LEU A 162 19.48 4.50 0.13
C LEU A 162 18.16 3.87 -0.26
N ALA A 163 17.23 3.73 0.69
CA ALA A 163 15.95 3.13 0.37
C ALA A 163 15.12 4.02 -0.56
N GLU A 164 15.14 5.32 -0.33
CA GLU A 164 14.43 6.21 -1.26
C GLU A 164 15.01 6.12 -2.65
N GLU A 165 16.35 6.10 -2.76
CA GLU A 165 16.99 5.94 -4.06
C GLU A 165 16.59 4.62 -4.70
N ALA A 166 16.46 3.56 -3.90
CA ALA A 166 16.02 2.28 -4.44
C ALA A 166 14.62 2.39 -5.03
N PHE A 167 13.71 3.10 -4.36
CA PHE A 167 12.36 3.30 -4.91
C PHE A 167 12.44 4.03 -6.26
N PHE A 168 13.15 5.16 -6.28
N PHE A 168 13.23 5.10 -6.35
CA PHE A 168 13.43 5.93 -7.48
CA PHE A 168 13.22 5.86 -7.61
C PHE A 168 13.86 4.99 -8.62
C PHE A 168 13.91 5.06 -8.71
N ARG A 169 14.98 4.30 -8.38
CA ARG A 169 15.59 3.44 -9.38
C ARG A 169 14.64 2.34 -9.83
N GLY A 170 13.88 1.76 -8.90
CA GLY A 170 12.97 0.69 -9.27
C GLY A 170 11.85 1.14 -10.18
N VAL A 171 11.17 2.23 -9.84
CA VAL A 171 10.08 2.67 -10.71
C VAL A 171 10.59 3.27 -12.02
N SER A 172 11.84 3.72 -12.09
CA SER A 172 12.35 4.36 -13.30
C SER A 172 12.98 3.36 -14.28
N GLN A 173 13.89 2.51 -13.80
CA GLN A 173 14.58 1.56 -14.66
C GLN A 173 14.19 0.11 -14.41
N GLY A 174 13.58 -0.20 -13.27
CA GLY A 174 13.13 -1.55 -13.02
C GLY A 174 12.19 -2.06 -14.09
N ARG A 175 12.15 -3.39 -14.21
CA ARG A 175 11.23 -4.06 -15.13
C ARG A 175 11.34 -3.47 -16.54
N GLY A 176 12.58 -3.34 -17.01
CA GLY A 176 12.81 -2.86 -18.36
C GLY A 176 12.35 -1.43 -18.58
N GLY A 177 12.26 -0.62 -17.54
CA GLY A 177 11.76 0.73 -17.66
C GLY A 177 10.29 0.90 -17.45
N LEU A 178 9.54 -0.19 -17.24
CA LEU A 178 8.13 -0.04 -16.88
C LEU A 178 7.93 0.24 -15.40
N GLY A 179 8.93 -0.07 -14.57
CA GLY A 179 8.90 0.22 -13.15
C GLY A 179 8.54 -0.96 -12.26
N SER A 180 9.37 -1.22 -11.26
CA SER A 180 9.02 -2.20 -10.24
C SER A 180 7.69 -1.82 -9.59
N ILE A 181 6.88 -2.83 -9.28
N ILE A 181 6.86 -2.81 -9.28
CA ILE A 181 5.63 -2.66 -8.55
CA ILE A 181 5.62 -2.59 -8.56
C ILE A 181 5.92 -2.99 -7.09
C ILE A 181 5.87 -2.98 -7.11
N PHE A 182 5.87 -1.98 -6.23
CA PHE A 182 6.10 -2.14 -4.80
C PHE A 182 4.75 -2.15 -4.10
N VAL A 183 4.27 -3.33 -3.69
CA VAL A 183 2.98 -3.44 -3.03
C VAL A 183 3.23 -3.39 -1.52
N TRP A 184 2.48 -2.56 -0.79
CA TRP A 184 2.84 -2.25 0.59
C TRP A 184 1.61 -2.31 1.49
N ALA A 185 1.79 -2.82 2.69
CA ALA A 185 0.77 -2.77 3.73
C ALA A 185 0.79 -1.41 4.40
N SER A 186 -0.40 -0.85 4.69
CA SER A 186 -0.48 0.50 5.25
C SER A 186 -0.21 0.58 6.75
N GLY A 187 -0.12 -0.54 7.45
CA GLY A 187 0.29 -0.55 8.85
C GLY A 187 -0.65 -1.36 9.74
N ASN A 188 -0.17 -1.61 10.96
CA ASN A 188 -0.91 -2.35 11.98
C ASN A 188 -1.11 -1.56 13.28
N GLY A 189 -0.98 -0.24 13.23
CA GLY A 189 -1.06 0.56 14.44
C GLY A 189 -2.41 1.08 14.87
N GLY A 190 -3.49 0.43 14.45
CA GLY A 190 -4.83 0.92 14.76
C GLY A 190 -5.10 1.09 16.25
N ARG A 191 -4.65 0.16 17.07
CA ARG A 191 -4.97 0.25 18.49
C ARG A 191 -4.22 1.38 19.17
N GLU A 192 -3.12 1.80 18.59
CA GLU A 192 -2.37 2.97 19.03
C GLU A 192 -2.85 4.27 18.40
N HIS A 193 -3.95 4.24 17.65
CA HIS A 193 -4.48 5.41 16.97
C HIS A 193 -3.46 6.01 16.02
N ASP A 194 -2.71 5.14 15.37
CA ASP A 194 -1.71 5.59 14.40
C ASP A 194 -2.41 6.04 13.13
N SER A 195 -1.72 6.91 12.38
CA SER A 195 -2.27 7.62 11.21
C SER A 195 -1.20 7.44 10.14
N CYS A 196 -1.49 6.68 9.08
CA CYS A 196 -0.39 6.04 8.34
C CYS A 196 0.35 6.98 7.38
N ASN A 197 -0.10 8.23 7.16
CA ASN A 197 0.77 9.08 6.36
C ASN A 197 2.07 9.41 7.11
N CYS A 198 2.13 9.12 8.41
CA CYS A 198 3.35 9.27 9.20
C CYS A 198 4.36 8.16 8.95
N ASP A 199 4.04 7.20 8.08
CA ASP A 199 4.90 6.09 7.67
C ASP A 199 5.31 6.39 6.24
N GLY A 200 6.57 6.79 6.03
CA GLY A 200 7.01 7.25 4.72
C GLY A 200 7.06 6.17 3.66
N TYR A 201 7.01 4.90 4.06
CA TYR A 201 6.99 3.82 3.07
C TYR A 201 5.62 3.73 2.43
N THR A 202 4.56 3.62 3.23
CA THR A 202 3.23 3.55 2.67
C THR A 202 2.79 4.89 2.11
N ASN A 203 3.27 6.00 2.68
CA ASN A 203 2.93 7.35 2.19
C ASN A 203 3.60 7.71 0.86
N SER A 204 4.52 6.86 0.38
CA SER A 204 5.21 7.10 -0.88
C SER A 204 4.28 6.93 -2.06
N ILE A 205 4.50 7.74 -3.10
CA ILE A 205 3.74 7.51 -4.32
C ILE A 205 4.19 6.24 -5.02
N TYR A 206 5.42 5.77 -4.75
CA TYR A 206 6.00 4.62 -5.46
C TYR A 206 5.53 3.28 -4.91
N THR A 207 4.86 3.28 -3.77
CA THR A 207 4.30 2.07 -3.21
C THR A 207 2.80 2.08 -3.44
N LEU A 208 2.27 0.92 -3.80
CA LEU A 208 0.85 0.70 -4.04
C LEU A 208 0.30 0.13 -2.73
N SER A 209 -0.38 0.97 -1.97
CA SER A 209 -0.62 0.72 -0.55
C SER A 209 -2.00 0.15 -0.32
N ILE A 210 -2.07 -0.84 0.58
CA ILE A 210 -3.21 -1.70 0.76
C ILE A 210 -3.56 -1.76 2.23
N SER A 211 -4.83 -1.61 2.55
CA SER A 211 -5.40 -1.78 3.88
C SER A 211 -6.30 -3.02 3.93
N SER A 212 -6.90 -3.26 5.11
CA SER A 212 -7.62 -4.50 5.38
C SER A 212 -9.10 -4.30 5.66
N ALA A 213 -9.89 -5.32 5.37
CA ALA A 213 -11.28 -5.38 5.76
C ALA A 213 -11.55 -6.74 6.39
N THR A 214 -12.40 -6.78 7.41
CA THR A 214 -12.74 -8.03 8.05
C THR A 214 -13.78 -8.81 7.22
N GLN A 215 -13.98 -10.08 7.59
CA GLN A 215 -14.92 -10.92 6.84
C GLN A 215 -16.30 -10.30 6.77
N PHE A 216 -16.78 -9.69 7.85
CA PHE A 216 -18.10 -9.09 7.87
C PHE A 216 -18.11 -7.69 7.26
N GLY A 217 -17.00 -7.25 6.67
CA GLY A 217 -16.98 -5.97 5.98
C GLY A 217 -16.67 -4.76 6.82
N ASN A 218 -15.93 -4.95 7.92
CA ASN A 218 -15.66 -3.84 8.84
C ASN A 218 -14.19 -3.48 8.87
N VAL A 219 -13.89 -2.35 9.50
CA VAL A 219 -12.51 -1.89 9.67
C VAL A 219 -11.90 -2.62 10.86
N PRO A 220 -10.86 -3.42 10.66
CA PRO A 220 -10.31 -4.19 11.79
C PRO A 220 -9.65 -3.31 12.83
N TRP A 221 -9.49 -3.89 14.01
CA TRP A 221 -8.91 -3.17 15.13
C TRP A 221 -7.53 -2.61 14.82
N TYR A 222 -6.72 -3.30 14.00
CA TYR A 222 -5.34 -2.94 13.71
C TYR A 222 -5.18 -1.93 12.57
N SER A 223 -6.26 -1.61 11.88
CA SER A 223 -6.16 -0.75 10.69
C SER A 223 -5.76 0.68 11.03
N GLU A 224 -4.91 1.26 10.17
CA GLU A 224 -4.64 2.69 10.23
C GLU A 224 -5.33 3.37 9.05
N ALA A 225 -5.97 4.48 9.32
CA ALA A 225 -6.54 5.31 8.26
C ALA A 225 -5.53 6.33 7.76
N CYS A 226 -5.50 6.55 6.46
CA CYS A 226 -4.75 7.70 5.93
C CYS A 226 -5.08 7.90 4.45
N SER A 227 -4.80 9.11 3.97
CA SER A 227 -5.11 9.47 2.59
C SER A 227 -4.18 8.82 1.57
N SER A 228 -3.05 8.26 1.99
CA SER A 228 -2.15 7.68 0.99
C SER A 228 -2.58 6.29 0.54
N THR A 229 -3.46 5.61 1.28
CA THR A 229 -3.86 4.25 0.91
C THR A 229 -4.62 4.26 -0.41
N LEU A 230 -4.42 3.21 -1.22
CA LEU A 230 -5.11 3.11 -2.50
C LEU A 230 -6.28 2.13 -2.51
N ALA A 231 -6.17 0.97 -1.85
CA ALA A 231 -7.23 -0.01 -1.91
C ALA A 231 -7.09 -1.01 -0.75
N THR A 232 -7.94 -2.05 -0.79
CA THR A 232 -8.20 -2.93 0.36
C THR A 232 -8.24 -4.38 -0.08
N THR A 233 -7.73 -5.29 0.76
CA THR A 233 -8.08 -6.70 0.61
C THR A 233 -8.51 -7.25 1.97
N TYR A 234 -9.21 -8.37 1.95
CA TYR A 234 -9.64 -8.99 3.19
C TYR A 234 -8.46 -9.47 4.03
N SER A 235 -8.66 -9.43 5.35
CA SER A 235 -7.74 -10.05 6.30
C SER A 235 -8.56 -10.44 7.52
N SER A 236 -7.92 -10.52 8.68
CA SER A 236 -8.52 -10.98 9.91
C SER A 236 -9.31 -9.89 10.62
N GLY A 237 -10.13 -10.33 11.58
CA GLY A 237 -10.92 -9.42 12.40
C GLY A 237 -11.12 -10.00 13.80
N ASN A 238 -12.38 -10.14 14.24
CA ASN A 238 -12.66 -10.65 15.57
C ASN A 238 -12.67 -12.19 15.55
N GLN A 239 -13.01 -12.80 16.68
CA GLN A 239 -12.83 -14.25 16.75
C GLN A 239 -14.01 -15.03 16.18
N ASN A 240 -15.03 -14.34 15.69
CA ASN A 240 -16.12 -14.94 14.95
C ASN A 240 -15.90 -14.86 13.44
N GLU A 241 -14.87 -14.15 13.01
CA GLU A 241 -14.57 -13.91 11.61
C GLU A 241 -13.37 -14.78 11.21
N LYS A 242 -13.39 -15.29 10.00
CA LYS A 242 -12.32 -16.15 9.51
C LYS A 242 -11.06 -15.34 9.20
N GLN A 243 -9.93 -16.04 9.05
CA GLN A 243 -8.65 -15.37 8.85
C GLN A 243 -8.04 -15.86 7.53
N ILE A 244 -6.74 -15.59 7.33
CA ILE A 244 -6.10 -15.95 6.06
C ILE A 244 -5.47 -17.33 6.22
N VAL A 245 -5.68 -18.16 5.20
CA VAL A 245 -5.31 -19.58 5.21
C VAL A 245 -4.17 -19.73 4.21
N THR A 246 -3.01 -20.26 4.66
CA THR A 246 -1.84 -20.23 3.79
C THR A 246 -0.79 -21.22 4.29
N THR A 247 0.34 -21.23 3.60
CA THR A 247 1.49 -22.04 4.01
C THR A 247 2.11 -21.50 5.29
N ASP A 248 2.66 -22.41 6.10
CA ASP A 248 3.32 -22.05 7.35
C ASP A 248 4.66 -22.77 7.47
N LEU A 249 5.49 -22.19 8.33
CA LEU A 249 6.81 -22.74 8.62
C LEU A 249 6.72 -24.19 9.06
N ARG A 250 7.78 -24.94 8.77
CA ARG A 250 7.88 -26.38 9.05
C ARG A 250 6.89 -27.20 8.22
N GLN A 251 6.68 -26.78 6.98
CA GLN A 251 5.91 -27.53 5.98
C GLN A 251 4.48 -27.78 6.43
N LYS A 252 3.90 -26.82 7.12
CA LYS A 252 2.57 -26.87 7.67
C LYS A 252 1.63 -25.93 6.91
N CYS A 253 0.38 -25.87 7.38
N CYS A 253 0.36 -25.99 7.25
CA CYS A 253 -0.70 -25.05 6.83
CA CYS A 253 -0.59 -24.97 6.86
C CYS A 253 -1.44 -24.36 7.97
C CYS A 253 -0.99 -24.21 8.12
N THR A 254 -1.56 -23.04 7.89
CA THR A 254 -2.16 -22.24 8.96
C THR A 254 -3.50 -21.70 8.47
N GLU A 255 -4.42 -21.53 9.41
CA GLU A 255 -5.69 -20.87 9.16
C GLU A 255 -5.79 -19.53 9.89
N SER A 256 -4.67 -19.05 10.45
CA SER A 256 -4.72 -17.87 11.35
C SER A 256 -3.61 -16.88 11.04
N HIS A 257 -3.45 -16.57 9.77
CA HIS A 257 -2.59 -15.46 9.30
C HIS A 257 -3.43 -14.19 9.32
N THR A 258 -2.85 -13.11 9.83
CA THR A 258 -3.65 -11.97 10.27
C THR A 258 -3.00 -10.63 9.92
N GLY A 259 -3.77 -9.57 10.09
CA GLY A 259 -3.22 -8.22 10.05
C GLY A 259 -3.12 -7.67 8.65
N THR A 260 -2.77 -6.39 8.58
CA THR A 260 -2.61 -5.77 7.26
C THR A 260 -1.46 -6.42 6.51
N SER A 261 -0.53 -7.04 7.21
N SER A 261 -0.53 -7.04 7.24
CA SER A 261 0.57 -7.72 6.53
CA SER A 261 0.56 -7.76 6.60
C SER A 261 0.11 -8.97 5.80
C SER A 261 0.04 -8.89 5.73
N ALA A 262 -1.11 -9.46 6.07
CA ALA A 262 -1.71 -10.50 5.26
C ALA A 262 -2.46 -9.94 4.06
N SER A 263 -2.83 -8.65 4.09
CA SER A 263 -3.54 -8.06 2.95
C SER A 263 -2.60 -7.74 1.79
N ALA A 264 -1.39 -7.24 2.07
CA ALA A 264 -0.53 -6.83 0.97
C ALA A 264 -0.21 -8.00 0.05
N PRO A 265 0.08 -9.21 0.55
CA PRO A 265 0.37 -10.32 -0.38
C PRO A 265 -0.79 -10.71 -1.26
N LEU A 266 -2.03 -10.68 -0.74
CA LEU A 266 -3.16 -10.96 -1.61
C LEU A 266 -3.23 -9.94 -2.75
N ALA A 267 -2.99 -8.67 -2.43
CA ALA A 267 -2.96 -7.64 -3.46
C ALA A 267 -1.87 -7.94 -4.47
N ALA A 268 -0.65 -8.28 -4.00
CA ALA A 268 0.45 -8.64 -4.90
C ALA A 268 0.05 -9.78 -5.84
N GLY A 269 -0.71 -10.73 -5.34
CA GLY A 269 -1.16 -11.82 -6.21
C GLY A 269 -2.11 -11.35 -7.30
N ILE A 270 -3.08 -10.52 -6.93
CA ILE A 270 -4.02 -9.97 -7.90
C ILE A 270 -3.27 -9.14 -8.95
N ILE A 271 -2.26 -8.39 -8.51
CA ILE A 271 -1.44 -7.59 -9.43
C ILE A 271 -0.63 -8.49 -10.35
N ALA A 272 -0.18 -9.65 -9.87
CA ALA A 272 0.47 -10.62 -10.76
C ALA A 272 -0.49 -11.15 -11.84
N LEU A 273 -1.75 -11.44 -11.47
CA LEU A 273 -2.71 -11.88 -12.50
C LEU A 273 -2.88 -10.79 -13.53
N THR A 274 -2.95 -9.54 -13.07
CA THR A 274 -3.16 -8.40 -13.94
C THR A 274 -1.99 -8.21 -14.89
N LEU A 275 -0.77 -8.38 -14.38
CA LEU A 275 0.41 -8.23 -15.22
C LEU A 275 0.50 -9.33 -16.25
N GLU A 276 0.04 -10.54 -15.92
CA GLU A 276 -0.04 -11.57 -16.95
C GLU A 276 -0.97 -11.11 -18.07
N ALA A 277 -2.05 -10.43 -17.72
CA ALA A 277 -3.03 -10.01 -18.71
C ALA A 277 -2.49 -8.88 -19.59
N ASN A 278 -1.53 -8.10 -19.10
CA ASN A 278 -0.88 -7.06 -19.91
C ASN A 278 0.49 -6.80 -19.32
N LYS A 279 1.51 -7.45 -19.89
CA LYS A 279 2.85 -7.37 -19.33
C LYS A 279 3.49 -6.02 -19.51
N ASN A 280 2.85 -5.13 -20.27
N ASN A 280 2.89 -5.12 -20.30
CA ASN A 280 3.41 -3.84 -20.63
CA ASN A 280 3.49 -3.83 -20.58
C ASN A 280 2.91 -2.72 -19.73
C ASN A 280 2.89 -2.71 -19.73
N LEU A 281 2.13 -3.05 -18.70
CA LEU A 281 1.62 -2.04 -17.78
C LEU A 281 2.78 -1.43 -17.00
N THR A 282 2.77 -0.12 -16.84
CA THR A 282 3.79 0.54 -16.05
C THR A 282 3.37 0.53 -14.59
N TRP A 283 4.31 0.97 -13.73
CA TRP A 283 3.98 1.07 -12.31
C TRP A 283 2.84 2.04 -12.06
N ARG A 284 2.73 3.10 -12.89
CA ARG A 284 1.60 4.02 -12.76
C ARG A 284 0.31 3.45 -13.34
N ASP A 285 0.39 2.80 -14.51
CA ASP A 285 -0.77 2.09 -15.06
C ASP A 285 -1.42 1.23 -13.97
N MET A 286 -0.59 0.49 -13.23
CA MET A 286 -1.15 -0.45 -12.25
C MET A 286 -1.95 0.28 -11.18
N GLN A 287 -1.47 1.44 -10.73
CA GLN A 287 -2.24 2.21 -9.75
C GLN A 287 -3.54 2.74 -10.36
N HIS A 288 -3.50 3.18 -11.62
CA HIS A 288 -4.73 3.58 -12.30
C HIS A 288 -5.74 2.45 -12.34
N LEU A 289 -5.29 1.23 -12.67
CA LEU A 289 -6.25 0.12 -12.73
C LEU A 289 -6.90 -0.10 -11.38
N VAL A 290 -6.09 -0.06 -10.31
CA VAL A 290 -6.63 -0.24 -8.97
C VAL A 290 -7.66 0.83 -8.64
N VAL A 291 -7.36 2.08 -8.97
CA VAL A 291 -8.31 3.17 -8.71
C VAL A 291 -9.63 2.92 -9.44
N GLN A 292 -9.54 2.53 -10.72
CA GLN A 292 -10.74 2.43 -11.54
C GLN A 292 -11.60 1.22 -11.19
N THR A 293 -11.01 0.12 -10.74
CA THR A 293 -11.76 -1.13 -10.61
C THR A 293 -12.13 -1.53 -9.18
N SER A 294 -11.57 -0.88 -8.17
CA SER A 294 -11.82 -1.32 -6.80
C SER A 294 -13.23 -0.94 -6.36
N LYS A 295 -13.80 -1.73 -5.45
CA LYS A 295 -15.22 -1.72 -5.16
C LYS A 295 -15.50 -1.35 -3.71
N PRO A 296 -16.18 -0.24 -3.46
CA PRO A 296 -16.57 0.07 -2.09
C PRO A 296 -17.62 -0.85 -1.53
N ALA A 297 -18.45 -1.45 -2.39
CA ALA A 297 -19.72 -1.99 -1.96
C ALA A 297 -19.57 -2.94 -0.78
N HIS A 298 -20.39 -2.73 0.24
CA HIS A 298 -20.45 -3.57 1.44
C HIS A 298 -19.19 -3.54 2.29
N LEU A 299 -18.34 -2.52 2.15
CA LEU A 299 -17.36 -2.21 3.18
C LEU A 299 -17.91 -1.06 4.01
N ASN A 300 -17.97 -1.26 5.31
CA ASN A 300 -18.56 -0.29 6.23
C ASN A 300 -17.52 0.70 6.74
N ALA A 301 -17.80 1.98 6.53
CA ALA A 301 -16.94 3.03 7.06
C ALA A 301 -17.79 4.30 7.15
N ASN A 302 -17.50 5.13 8.13
CA ASN A 302 -18.29 6.34 8.27
C ASN A 302 -17.75 7.49 7.46
N ASP A 303 -16.67 7.28 6.69
CA ASP A 303 -16.06 8.38 5.96
C ASP A 303 -16.07 8.18 4.44
N TRP A 304 -16.97 7.35 3.91
CA TRP A 304 -17.07 7.25 2.47
C TRP A 304 -17.49 8.61 1.92
N ALA A 305 -16.71 9.14 1.01
CA ALA A 305 -17.00 10.42 0.38
C ALA A 305 -16.82 10.31 -1.12
N THR A 306 -17.64 11.03 -1.86
CA THR A 306 -17.55 11.03 -3.30
C THR A 306 -16.61 12.15 -3.73
N ASN A 307 -15.60 11.82 -4.53
CA ASN A 307 -14.63 12.82 -4.91
C ASN A 307 -15.10 13.56 -6.16
N GLY A 308 -14.20 14.32 -6.79
CA GLY A 308 -14.63 15.20 -7.87
C GLY A 308 -14.93 14.51 -9.16
N VAL A 309 -14.51 13.25 -9.33
CA VAL A 309 -14.84 12.50 -10.52
C VAL A 309 -15.86 11.41 -10.22
N GLY A 310 -16.52 11.49 -9.07
CA GLY A 310 -17.65 10.62 -8.78
C GLY A 310 -17.30 9.27 -8.18
N ARG A 311 -16.05 9.05 -7.78
CA ARG A 311 -15.68 7.81 -7.12
C ARG A 311 -15.81 7.98 -5.61
N LYS A 312 -16.23 6.90 -4.95
CA LYS A 312 -16.25 6.86 -3.49
C LYS A 312 -14.87 6.49 -2.97
N VAL A 313 -14.43 7.17 -1.91
N VAL A 313 -14.42 7.21 -1.94
CA VAL A 313 -13.12 6.91 -1.36
CA VAL A 313 -13.12 6.96 -1.33
C VAL A 313 -13.16 7.10 0.16
C VAL A 313 -13.28 7.01 0.18
N SER A 314 -12.43 6.25 0.87
CA SER A 314 -12.41 6.25 2.33
C SER A 314 -10.96 6.23 2.80
N HIS A 315 -10.71 6.82 3.97
CA HIS A 315 -9.34 6.79 4.48
C HIS A 315 -8.99 5.43 5.07
N SER A 316 -10.00 4.58 5.35
CA SER A 316 -9.72 3.23 5.80
C SER A 316 -9.49 2.25 4.65
N TYR A 317 -10.17 2.45 3.52
CA TYR A 317 -10.18 1.50 2.46
C TYR A 317 -9.62 1.97 1.12
N GLY A 318 -9.26 3.24 0.99
CA GLY A 318 -8.93 3.76 -0.32
C GLY A 318 -10.17 3.72 -1.19
N TYR A 319 -9.99 3.22 -2.41
CA TYR A 319 -11.06 3.09 -3.36
C TYR A 319 -11.86 1.81 -3.17
N GLY A 320 -11.54 1.01 -2.18
CA GLY A 320 -12.33 -0.15 -1.84
C GLY A 320 -11.62 -1.47 -2.07
N LEU A 321 -12.41 -2.54 -2.18
N LEU A 321 -12.41 -2.54 -2.13
CA LEU A 321 -11.88 -3.88 -2.27
CA LEU A 321 -11.88 -3.88 -2.29
C LEU A 321 -11.35 -4.16 -3.66
C LEU A 321 -11.30 -4.09 -3.68
N LEU A 322 -10.16 -4.75 -3.75
CA LEU A 322 -9.64 -5.16 -5.05
C LEU A 322 -10.61 -6.15 -5.69
N ASP A 323 -10.70 -6.10 -7.02
CA ASP A 323 -11.57 -6.94 -7.85
C ASP A 323 -10.70 -7.53 -8.95
N ALA A 324 -10.27 -8.78 -8.77
CA ALA A 324 -9.31 -9.36 -9.70
C ALA A 324 -9.88 -9.52 -11.10
N GLY A 325 -11.13 -10.01 -11.22
CA GLY A 325 -11.73 -10.17 -12.53
C GLY A 325 -11.80 -8.85 -13.28
N ALA A 326 -12.17 -7.78 -12.58
CA ALA A 326 -12.23 -6.46 -13.20
C ALA A 326 -10.82 -5.97 -13.55
N MET A 327 -9.84 -6.21 -12.68
CA MET A 327 -8.46 -5.79 -12.97
C MET A 327 -7.94 -6.42 -14.25
N VAL A 328 -8.05 -7.76 -14.37
CA VAL A 328 -7.50 -8.44 -15.53
C VAL A 328 -8.27 -8.07 -16.80
N ALA A 329 -9.58 -7.85 -16.68
CA ALA A 329 -10.36 -7.46 -17.84
C ALA A 329 -9.92 -6.09 -18.36
N LEU A 330 -9.83 -5.10 -17.45
CA LEU A 330 -9.45 -3.74 -17.88
C LEU A 330 -8.00 -3.68 -18.36
N ALA A 331 -7.13 -4.52 -17.79
CA ALA A 331 -5.73 -4.49 -18.18
C ALA A 331 -5.55 -4.78 -19.66
N GLN A 332 -6.38 -5.68 -20.20
CA GLN A 332 -6.08 -6.28 -21.50
C GLN A 332 -6.02 -5.24 -22.62
N ASN A 333 -6.93 -4.28 -22.65
CA ASN A 333 -6.86 -3.23 -23.66
C ASN A 333 -6.51 -1.86 -23.08
N TRP A 334 -5.83 -1.83 -21.93
CA TRP A 334 -5.43 -0.55 -21.32
C TRP A 334 -4.36 0.15 -22.14
N THR A 335 -4.60 1.42 -22.44
CA THR A 335 -3.60 2.27 -23.07
C THR A 335 -2.68 2.92 -22.03
N THR A 336 -1.36 2.80 -22.26
CA THR A 336 -0.37 3.31 -21.34
C THR A 336 -0.63 4.78 -21.07
N VAL A 337 -0.55 5.18 -19.81
CA VAL A 337 -0.73 6.59 -19.48
C VAL A 337 0.43 7.40 -20.04
N ALA A 338 0.19 8.70 -20.20
CA ALA A 338 1.21 9.63 -20.65
C ALA A 338 2.32 9.76 -19.61
N PRO A 339 3.49 10.26 -20.00
CA PRO A 339 4.58 10.44 -19.04
C PRO A 339 4.15 11.30 -17.86
N GLN A 340 4.70 10.98 -16.71
CA GLN A 340 4.33 11.64 -15.48
C GLN A 340 4.90 13.04 -15.44
N ARG A 341 4.02 14.01 -15.21
CA ARG A 341 4.38 15.40 -14.96
C ARG A 341 4.36 15.68 -13.46
N LYS A 342 5.08 16.73 -13.07
CA LYS A 342 5.22 17.12 -11.68
C LYS A 342 5.17 18.65 -11.62
N CYS A 343 4.14 19.19 -11.00
CA CYS A 343 3.97 20.65 -10.88
C CYS A 343 4.20 21.05 -9.43
N ILE A 344 5.18 21.90 -9.21
CA ILE A 344 5.64 22.32 -7.89
C ILE A 344 5.11 23.72 -7.62
N ILE A 345 4.39 23.91 -6.51
CA ILE A 345 3.79 25.21 -6.16
C ILE A 345 4.21 25.53 -4.72
N ASP A 346 5.17 26.45 -4.56
CA ASP A 346 5.56 26.90 -3.22
C ASP A 346 4.58 27.97 -2.79
N ILE A 347 3.92 27.76 -1.66
CA ILE A 347 2.66 28.47 -1.37
C ILE A 347 2.88 29.71 -0.51
N LEU A 348 3.65 29.60 0.57
CA LEU A 348 3.68 30.69 1.57
C LEU A 348 4.56 31.85 1.11
N THR A 349 4.09 33.07 1.39
CA THR A 349 4.92 34.26 1.26
C THR A 349 5.56 34.69 2.57
N GLU A 350 5.18 34.07 3.68
CA GLU A 350 5.67 34.38 5.01
C GLU A 350 5.28 33.22 5.92
N PRO A 351 6.00 33.04 7.03
CA PRO A 351 5.57 32.02 7.99
C PRO A 351 4.23 32.38 8.61
N LYS A 352 3.48 31.35 9.01
N LYS A 352 3.48 31.35 9.01
CA LYS A 352 2.13 31.49 9.54
CA LYS A 352 2.13 31.49 9.54
C LYS A 352 2.04 30.90 10.93
C LYS A 352 2.04 30.88 10.93
N ASP A 353 1.58 31.69 11.89
CA ASP A 353 1.32 31.18 13.22
C ASP A 353 0.19 30.16 13.17
N ILE A 354 0.35 29.04 13.88
CA ILE A 354 -0.68 28.00 13.86
C ILE A 354 -1.69 28.24 14.98
N GLY A 355 -1.22 28.34 16.22
CA GLY A 355 -2.16 28.58 17.30
C GLY A 355 -3.21 27.49 17.37
N LYS A 356 -4.46 27.93 17.59
CA LYS A 356 -5.57 26.98 17.69
C LYS A 356 -5.97 26.42 16.34
N ARG A 357 -5.83 27.22 15.30
N ARG A 357 -5.85 27.22 15.29
CA ARG A 357 -6.31 26.83 13.98
CA ARG A 357 -6.31 26.79 13.98
C ARG A 357 -5.68 27.73 12.94
C ARG A 357 -5.74 27.72 12.92
N LEU A 358 -5.30 27.15 11.82
CA LEU A 358 -4.73 27.88 10.70
C LEU A 358 -5.35 27.35 9.43
N GLU A 359 -5.79 28.25 8.58
CA GLU A 359 -6.26 27.92 7.24
C GLU A 359 -5.38 28.66 6.24
N VAL A 360 -4.87 27.93 5.24
CA VAL A 360 -4.11 28.52 4.14
C VAL A 360 -4.85 28.21 2.84
N ARG A 361 -5.30 29.26 2.15
N ARG A 361 -5.30 29.26 2.15
CA ARG A 361 -5.98 29.15 0.87
CA ARG A 361 -5.98 29.14 0.87
C ARG A 361 -5.05 29.60 -0.23
C ARG A 361 -5.08 29.62 -0.24
N LYS A 362 -5.03 28.87 -1.33
CA LYS A 362 -4.23 29.29 -2.47
C LYS A 362 -4.88 28.82 -3.77
N THR A 363 -5.03 29.74 -4.71
CA THR A 363 -5.53 29.39 -6.03
C THR A 363 -4.34 29.11 -6.95
N VAL A 364 -4.34 27.97 -7.60
CA VAL A 364 -3.20 27.57 -8.42
C VAL A 364 -3.63 27.33 -9.87
N THR A 365 -2.70 27.55 -10.80
CA THR A 365 -2.94 27.21 -12.21
C THR A 365 -2.44 25.83 -12.58
N ALA A 366 -1.77 25.13 -11.66
CA ALA A 366 -1.24 23.79 -11.93
C ALA A 366 -0.33 23.80 -13.15
N CYS A 367 0.55 24.80 -13.18
CA CYS A 367 1.63 24.92 -14.16
C CYS A 367 1.09 25.16 -15.55
N LEU A 368 -0.04 25.86 -15.64
CA LEU A 368 -0.57 26.27 -16.92
C LEU A 368 0.52 26.93 -17.74
N GLY A 369 0.60 26.56 -19.01
CA GLY A 369 1.55 27.14 -19.92
C GLY A 369 2.89 26.44 -19.96
N GLU A 370 3.13 25.50 -19.05
CA GLU A 370 4.43 24.87 -18.87
C GLU A 370 4.39 23.41 -19.30
N PRO A 371 5.56 22.81 -19.56
CA PRO A 371 5.57 21.37 -19.90
C PRO A 371 5.03 20.49 -18.78
N ASN A 372 4.98 20.96 -17.54
CA ASN A 372 4.45 20.17 -16.44
C ASN A 372 3.00 20.53 -16.11
N HIS A 373 2.28 21.20 -17.02
CA HIS A 373 0.86 21.47 -16.83
C HIS A 373 0.11 20.17 -16.57
N ILE A 374 -0.68 20.14 -15.50
CA ILE A 374 -1.45 18.96 -15.13
C ILE A 374 -2.94 19.32 -15.10
N THR A 375 -3.73 18.61 -15.90
CA THR A 375 -5.19 18.69 -15.81
C THR A 375 -5.81 17.41 -15.28
N ARG A 376 -5.01 16.35 -15.07
CA ARG A 376 -5.50 15.04 -14.63
C ARG A 376 -4.56 14.56 -13.52
N LEU A 377 -4.97 14.78 -12.29
CA LEU A 377 -4.12 14.51 -11.15
C LEU A 377 -3.98 13.01 -10.93
N GLU A 378 -2.80 12.62 -10.40
CA GLU A 378 -2.64 11.29 -9.84
C GLU A 378 -2.48 11.51 -8.35
N HIS A 379 -1.28 11.41 -7.77
CA HIS A 379 -0.99 11.74 -6.39
C HIS A 379 -0.84 13.25 -6.23
N ALA A 380 -1.22 13.73 -5.03
CA ALA A 380 -0.86 15.07 -4.62
C ALA A 380 -0.21 15.01 -3.26
N GLN A 381 0.80 15.86 -3.05
CA GLN A 381 1.44 15.99 -1.75
C GLN A 381 1.33 17.43 -1.26
N ALA A 382 1.10 17.59 0.02
CA ALA A 382 1.34 18.83 0.73
C ALA A 382 2.60 18.60 1.58
N ARG A 383 3.71 19.17 1.14
CA ARG A 383 5.00 19.05 1.83
C ARG A 383 5.08 20.19 2.84
N LEU A 384 5.02 19.83 4.12
CA LEU A 384 4.85 20.80 5.18
C LEU A 384 6.06 20.81 6.10
N THR A 385 6.52 22.01 6.42
CA THR A 385 7.51 22.24 7.46
C THR A 385 6.87 23.12 8.52
N LEU A 386 6.80 22.62 9.75
CA LEU A 386 6.15 23.36 10.82
C LEU A 386 6.76 22.93 12.17
N SER A 387 6.70 23.87 13.14
CA SER A 387 7.00 23.58 14.52
C SER A 387 5.70 23.54 15.30
N TYR A 388 5.65 22.70 16.33
CA TYR A 388 4.50 22.65 17.22
C TYR A 388 4.96 22.03 18.53
N ASN A 389 4.34 22.44 19.63
CA ASN A 389 4.81 21.95 20.93
C ASN A 389 4.39 20.50 21.23
N ARG A 390 3.23 20.04 20.75
CA ARG A 390 2.86 18.63 20.85
C ARG A 390 2.27 18.15 19.52
N ARG A 391 3.05 17.37 18.77
CA ARG A 391 2.70 17.06 17.40
C ARG A 391 1.37 16.32 17.28
N GLY A 392 1.12 15.39 18.18
CA GLY A 392 -0.08 14.55 18.04
C GLY A 392 -1.40 15.27 18.34
N ASP A 393 -1.35 16.51 18.82
CA ASP A 393 -2.60 17.23 18.95
C ASP A 393 -3.05 17.83 17.62
N LEU A 394 -2.19 17.82 16.61
CA LEU A 394 -2.55 18.40 15.32
C LEU A 394 -3.40 17.44 14.48
N ALA A 395 -4.39 18.00 13.81
CA ALA A 395 -5.06 17.37 12.69
C ALA A 395 -4.92 18.29 11.48
N ILE A 396 -4.67 17.68 10.32
CA ILE A 396 -4.40 18.42 9.10
C ILE A 396 -5.28 17.86 7.98
N HIS A 397 -5.92 18.76 7.23
CA HIS A 397 -6.74 18.41 6.10
C HIS A 397 -6.36 19.24 4.89
N LEU A 398 -6.60 18.70 3.71
CA LEU A 398 -6.32 19.37 2.44
C LEU A 398 -7.54 19.18 1.55
N VAL A 399 -8.08 20.29 1.05
CA VAL A 399 -9.26 20.27 0.21
C VAL A 399 -8.86 20.66 -1.20
N SER A 400 -9.24 19.83 -2.17
CA SER A 400 -8.92 20.10 -3.56
C SER A 400 -9.92 21.09 -4.13
N PRO A 401 -9.61 21.66 -5.29
CA PRO A 401 -10.57 22.57 -5.94
C PRO A 401 -11.93 21.94 -6.20
N MET A 402 -11.97 20.63 -6.42
N MET A 402 -11.99 20.63 -6.45
CA MET A 402 -13.23 19.92 -6.64
CA MET A 402 -13.27 19.96 -6.65
C MET A 402 -13.95 19.59 -5.34
C MET A 402 -13.93 19.55 -5.33
N GLY A 403 -13.41 20.03 -4.21
CA GLY A 403 -14.07 19.91 -2.93
C GLY A 403 -13.80 18.64 -2.17
N THR A 404 -12.80 17.85 -2.57
CA THR A 404 -12.47 16.60 -1.92
C THR A 404 -11.56 16.88 -0.72
N ARG A 405 -12.02 16.50 0.45
N ARG A 405 -12.07 16.59 0.47
CA ARG A 405 -11.31 16.82 1.70
CA ARG A 405 -11.31 16.79 1.69
C ARG A 405 -10.51 15.59 2.11
C ARG A 405 -10.51 15.53 1.97
N SER A 406 -9.20 15.65 1.89
CA SER A 406 -8.28 14.59 2.29
C SER A 406 -7.78 14.88 3.71
N THR A 407 -7.91 13.89 4.60
CA THR A 407 -7.20 13.99 5.88
C THR A 407 -5.71 13.67 5.65
N LEU A 408 -4.84 14.65 5.90
CA LEU A 408 -3.42 14.39 5.79
C LEU A 408 -2.85 13.82 7.09
N LEU A 409 -3.47 14.18 8.22
CA LEU A 409 -2.99 13.77 9.54
C LEU A 409 -4.17 13.82 10.51
N ALA A 410 -4.41 12.71 11.19
CA ALA A 410 -5.36 12.71 12.29
C ALA A 410 -4.60 12.88 13.62
N ALA A 411 -5.33 13.34 14.63
CA ALA A 411 -4.76 13.45 15.97
C ALA A 411 -4.22 12.09 16.41
N ARG A 412 -3.02 12.10 16.99
CA ARG A 412 -2.34 10.90 17.50
C ARG A 412 -2.07 11.10 18.98
N PRO A 413 -2.88 10.51 19.85
CA PRO A 413 -2.79 10.84 21.28
C PRO A 413 -1.43 10.56 21.87
N HIS A 414 -0.73 9.51 21.41
CA HIS A 414 0.55 9.18 22.02
C HIS A 414 1.71 10.02 21.48
N ASP A 415 1.52 10.79 20.42
CA ASP A 415 2.63 11.52 19.79
C ASP A 415 2.89 12.81 20.55
N TYR A 416 3.84 12.75 21.50
CA TYR A 416 4.18 13.89 22.33
C TYR A 416 5.32 14.70 21.75
N SER A 417 5.76 14.37 20.54
CA SER A 417 6.96 14.99 20.00
C SER A 417 6.84 16.51 19.91
N ALA A 418 7.94 17.18 20.19
CA ALA A 418 8.05 18.61 19.99
C ALA A 418 8.87 18.94 18.74
N ASP A 419 9.16 17.95 17.92
CA ASP A 419 10.00 18.13 16.73
C ASP A 419 9.24 18.49 15.48
N GLY A 420 7.91 18.49 15.49
CA GLY A 420 7.19 18.96 14.31
C GLY A 420 7.39 18.10 13.08
N PHE A 421 7.22 18.74 11.91
CA PHE A 421 7.38 18.09 10.62
C PHE A 421 8.43 18.85 9.80
N ASN A 422 9.35 18.11 9.20
CA ASN A 422 10.44 18.71 8.43
C ASN A 422 10.29 18.31 6.96
N ASP A 423 9.59 19.18 6.21
CA ASP A 423 9.27 18.96 4.80
C ASP A 423 8.65 17.58 4.59
N TRP A 424 7.68 17.24 5.45
CA TRP A 424 7.07 15.92 5.38
C TRP A 424 6.03 15.94 4.25
N ALA A 425 6.14 15.02 3.29
CA ALA A 425 5.31 15.05 2.08
C ALA A 425 4.03 14.21 2.24
N PHE A 426 3.10 14.75 3.04
CA PHE A 426 1.80 14.12 3.24
C PHE A 426 1.15 13.86 1.88
N MET A 427 0.71 12.65 1.62
CA MET A 427 0.23 12.30 0.28
C MET A 427 -1.22 11.84 0.30
N THR A 428 -1.97 12.26 -0.74
CA THR A 428 -3.34 11.80 -0.91
C THR A 428 -3.55 11.23 -2.29
N THR A 429 -4.28 10.11 -2.34
CA THR A 429 -4.76 9.51 -3.57
C THR A 429 -6.20 9.89 -3.87
N HIS A 430 -6.85 10.64 -2.98
CA HIS A 430 -8.29 10.78 -3.03
C HIS A 430 -8.78 11.73 -4.13
N SER A 431 -7.88 12.48 -4.76
CA SER A 431 -8.24 13.42 -5.85
C SER A 431 -7.77 12.91 -7.20
N TRP A 432 -7.45 11.62 -7.28
CA TRP A 432 -7.03 10.98 -8.53
C TRP A 432 -8.03 11.26 -9.64
N ASP A 433 -7.51 11.68 -10.80
CA ASP A 433 -8.22 12.04 -12.02
C ASP A 433 -8.94 13.39 -11.95
N GLU A 434 -8.92 14.07 -10.80
CA GLU A 434 -9.42 15.44 -10.75
C GLU A 434 -8.50 16.41 -11.47
N ASP A 435 -9.10 17.53 -11.92
CA ASP A 435 -8.32 18.68 -12.39
C ASP A 435 -7.89 19.48 -11.18
N PRO A 436 -6.59 19.67 -10.95
CA PRO A 436 -6.12 20.33 -9.73
C PRO A 436 -6.02 21.84 -9.84
N SER A 437 -6.48 22.41 -10.97
CA SER A 437 -6.54 23.84 -11.11
C SER A 437 -7.61 24.39 -10.18
N GLY A 438 -7.30 25.53 -9.55
CA GLY A 438 -8.27 26.19 -8.69
C GLY A 438 -7.79 26.36 -7.27
N GLU A 439 -8.71 26.47 -6.34
CA GLU A 439 -8.39 26.80 -4.96
C GLU A 439 -8.18 25.53 -4.13
N TRP A 440 -7.02 25.44 -3.51
CA TRP A 440 -6.70 24.42 -2.54
C TRP A 440 -6.74 25.08 -1.16
N VAL A 441 -7.16 24.30 -0.16
CA VAL A 441 -7.27 24.78 1.22
C VAL A 441 -6.53 23.80 2.12
N LEU A 442 -5.55 24.31 2.86
CA LEU A 442 -4.90 23.55 3.93
C LEU A 442 -5.48 23.97 5.26
N GLU A 443 -5.87 23.00 6.06
CA GLU A 443 -6.40 23.25 7.40
C GLU A 443 -5.49 22.56 8.41
N ILE A 444 -5.01 23.31 9.39
CA ILE A 444 -4.26 22.77 10.52
C ILE A 444 -5.00 23.17 11.79
N GLU A 445 -5.33 22.17 12.63
CA GLU A 445 -6.06 22.50 13.85
C GLU A 445 -5.49 21.79 15.05
N ASN A 446 -5.55 22.50 16.19
CA ASN A 446 -5.22 21.93 17.49
C ASN A 446 -6.48 21.25 18.03
N THR A 447 -6.46 19.91 18.11
CA THR A 447 -7.64 19.18 18.55
C THR A 447 -7.75 19.09 20.06
N SER A 448 -6.78 19.60 20.80
N SER A 448 -6.78 19.63 20.80
CA SER A 448 -6.82 19.54 22.25
CA SER A 448 -6.75 19.58 22.25
C SER A 448 -7.26 20.88 22.82
C SER A 448 -7.22 20.90 22.83
N GLU A 449 -7.72 20.86 24.06
CA GLU A 449 -8.06 22.09 24.76
C GLU A 449 -6.83 22.83 25.25
N ALA A 450 -5.65 22.24 25.13
CA ALA A 450 -4.42 22.88 25.58
C ALA A 450 -4.06 24.08 24.72
N ASN A 451 -3.32 25.01 25.32
N ASN A 451 -3.31 25.00 25.33
CA ASN A 451 -2.85 26.20 24.62
CA ASN A 451 -2.85 26.21 24.64
C ASN A 451 -1.56 25.90 23.87
C ASN A 451 -1.56 25.90 23.88
N ASN A 452 -1.70 25.09 22.84
CA ASN A 452 -0.56 24.69 22.02
C ASN A 452 -0.18 25.79 21.04
N TYR A 453 1.04 25.70 20.49
CA TYR A 453 1.60 26.80 19.72
C TYR A 453 2.64 26.29 18.75
N GLY A 454 2.82 27.03 17.66
CA GLY A 454 3.85 26.68 16.68
C GLY A 454 3.64 27.47 15.41
N THR A 455 4.46 27.16 14.42
CA THR A 455 4.53 27.95 13.18
C THR A 455 4.68 27.06 11.96
N LEU A 456 3.92 27.38 10.91
CA LEU A 456 4.08 26.77 9.59
C LEU A 456 5.03 27.65 8.78
N THR A 457 6.18 27.09 8.38
CA THR A 457 7.18 27.87 7.66
C THR A 457 7.30 27.51 6.20
N LYS A 458 6.79 26.34 5.78
CA LYS A 458 6.79 26.02 4.36
C LYS A 458 5.63 25.09 4.03
N PHE A 459 4.97 25.40 2.92
CA PHE A 459 3.88 24.57 2.37
C PHE A 459 4.13 24.52 0.87
N THR A 460 4.63 23.37 0.40
CA THR A 460 4.79 23.13 -1.01
C THR A 460 3.71 22.17 -1.48
N LEU A 461 2.86 22.61 -2.42
CA LEU A 461 1.88 21.71 -3.04
C LEU A 461 2.56 21.06 -4.24
N VAL A 462 2.64 19.74 -4.25
CA VAL A 462 3.28 19.01 -5.34
C VAL A 462 2.24 18.15 -6.02
N LEU A 463 1.99 18.43 -7.29
CA LEU A 463 1.00 17.71 -8.08
C LEU A 463 1.72 16.79 -9.05
N TYR A 464 1.28 15.53 -9.11
CA TYR A 464 1.73 14.60 -10.14
C TYR A 464 0.56 14.26 -11.06
N GLY A 465 0.85 13.99 -12.32
CA GLY A 465 -0.21 13.56 -13.21
C GLY A 465 0.10 13.91 -14.66
N THR A 466 -0.97 14.05 -15.44
CA THR A 466 -0.84 14.19 -16.89
C THR A 466 -1.77 15.30 -17.35
N ALA A 467 -1.74 15.55 -18.66
CA ALA A 467 -2.65 16.49 -19.29
C ALA A 467 -3.36 15.81 -20.48
N SER A 468 -3.61 14.51 -20.35
CA SER A 468 -4.33 13.74 -21.37
C SER A 468 -5.03 12.53 -20.75
CAA UYT B . 12.15 -0.91 8.50
CAB UYT B . 12.08 -0.36 9.91
CAE UYT B . 12.56 3.11 9.50
CAH UYT B . 11.91 -1.22 10.99
CAI UYT B . 11.49 -0.74 12.23
CAJ UYT B . 11.36 -1.62 13.30
CAK UYT B . 11.69 -2.97 13.15
CAL UYT B . 12.16 -3.45 11.93
CAM UYT B . 12.26 -2.57 10.84
NAC UYT B . 12.25 0.95 10.15
NAD UYT B . 12.46 1.82 9.13
NAF UYT B . 12.43 3.48 10.79
NAG UYT B . 12.85 4.03 8.59
HAB UYT B . 12.84 -1.76 8.47
HAC UYT B . 12.50 -0.13 7.81
HAA UYT B . 11.16 -1.24 8.18
HAI UYT B . 11.25 0.32 12.35
HAJ UYT B . 11.01 -1.24 14.26
HAK UYT B . 11.59 -3.65 14.00
HAL UYT B . 12.42 -4.50 11.81
HAM UYT B . 12.62 -2.93 9.89
HAD UYT B . 12.54 1.58 8.17
HAF UYT B . 12.22 2.79 11.48
HAG UYT B . 12.95 3.78 7.63
HAO UYT B . 12.95 5.00 8.86
HAN UYT B . 12.55 4.43 11.05
CAA UYT C . 7.36 -1.84 12.70
CAB UYT C . 6.98 -2.77 11.55
CAE UYT C . 5.11 -0.58 9.52
CAH UYT C . 7.52 -4.05 11.47
CAI UYT C . 7.04 -4.96 10.56
CAJ UYT C . 7.61 -6.24 10.47
CAK UYT C . 8.69 -6.58 11.29
CAL UYT C . 9.19 -5.65 12.18
CAM UYT C . 8.63 -4.37 12.25
NAC UYT C . 6.24 -2.34 10.53
NAD UYT C . 5.85 -1.03 10.55
NAF UYT C . 4.75 -1.37 8.50
NAG UYT C . 4.79 0.70 9.56
HAB UYT C . 7.56 -2.42 13.59
HAC UYT C . 6.53 -1.15 12.89
HAA UYT C . 8.24 -1.26 12.43
HAI UYT C . 6.21 -4.70 9.90
HAJ UYT C . 7.20 -6.97 9.78
HAK UYT C . 9.13 -7.58 11.22
HAL UYT C . 10.04 -5.90 12.81
HAM UYT C . 9.04 -3.62 12.93
HAD UYT C . 6.08 -0.38 11.27
HAF UYT C . 5.00 -2.34 8.50
HAG UYT C . 5.07 1.26 10.34
HAO UYT C . 4.27 1.11 8.80
HAN UYT C . 4.23 -0.99 7.74
CAA UYT D . 19.11 13.34 1.88
CAA UYT D . 17.78 11.22 -1.42
CAB UYT D . 18.18 12.31 1.23
CAB UYT D . 18.11 11.81 -0.06
CAE UYT D . 19.40 12.24 -2.09
CAE UYT D . 20.89 14.01 -0.71
CAH UYT D . 17.18 11.67 1.97
CAH UYT D . 17.34 11.45 1.05
CAI UYT D . 16.27 10.88 1.30
CAI UYT D . 17.71 11.93 2.30
CAJ UYT D . 15.25 10.22 1.98
CAJ UYT D . 16.96 11.59 3.42
CAK UYT D . 15.13 10.37 3.35
CAK UYT D . 15.84 10.78 3.33
CAL UYT D . 16.03 11.18 4.04
CAL UYT D . 15.47 10.29 2.08
CAM UYT D . 17.05 11.83 3.35
CAM UYT D . 16.22 10.64 0.96
NAC UYT D . 18.34 11.98 -0.08
NAC UYT D . 19.12 12.71 0.12
NAD UYT D . 19.30 12.59 -0.81
NAD UYT D . 19.90 13.11 -0.92
NAF UYT D . 18.54 11.34 -2.60
NAF UYT D . 21.13 14.52 0.51
NAG UYT D . 20.33 12.79 -2.88
NAG UYT D . 21.65 14.39 -1.74
HAB UYT D . 18.59 13.83 2.69
HAB UYT D . 17.41 10.21 -1.30
HAC UYT D . 19.40 14.09 1.14
HAC UYT D . 18.69 11.19 -2.03
HAA UYT D . 20.00 12.84 2.25
HAA UYT D . 17.04 11.83 -1.91
HAI UYT D . 16.35 10.75 0.21
HAI UYT D . 18.58 12.57 2.39
HAJ UYT D . 14.54 9.59 1.45
HAJ UYT D . 17.26 11.98 4.39
HAK UYT D . 14.33 9.87 3.89
HAK UYT D . 15.26 10.53 4.21
HAL UYT D . 15.94 11.30 5.12
HAL UYT D . 14.60 9.64 1.99
HAM UYT D . 17.75 12.45 3.88
HAM UYT D . 15.91 10.26 -0.03
HAD UYT D . 19.95 13.28 -0.44
HAD UYT D . 19.75 12.77 -1.85
HAF UYT D . 17.85 10.92 -2.01
HAF UYT D . 20.56 14.24 1.28
HAG UYT D . 20.97 13.46 -2.51
HAG UYT D . 21.48 14.02 -2.65
HAO UYT D . 20.39 12.53 -3.85
HAO UYT D . 22.40 15.04 -1.58
HAN UYT D . 18.59 11.08 -3.57
HAN UYT D . 21.88 15.18 0.64
CA CA E . 21.00 -17.82 4.30
CA CA F . -1.81 -26.36 -2.59
CA CA G . 1.90 3.03 11.20
NA NA H . 1.94 4.18 -1.17
NA NA I . -17.45 15.58 -3.28
CL CL J . 9.73 13.35 -8.04
S DMS K . 9.38 14.61 11.03
O DMS K . 9.29 15.38 9.75
C1 DMS K . 10.43 13.17 10.68
C2 DMS K . 10.41 15.57 12.16
H11 DMS K . 10.53 12.59 11.56
H12 DMS K . 11.39 13.49 10.36
H13 DMS K . 9.99 12.58 9.91
H21 DMS K . 10.47 15.08 13.10
H22 DMS K . 9.99 16.54 12.29
H23 DMS K . 11.38 15.67 11.75
S DMS L . 14.73 -27.88 11.10
O DMS L . 13.59 -27.60 10.17
C1 DMS L . 16.14 -26.79 10.74
C2 DMS L . 14.39 -27.34 12.80
H11 DMS L . 16.53 -27.01 9.78
H12 DMS L . 16.89 -26.93 11.47
H13 DMS L . 15.82 -25.78 10.75
H21 DMS L . 13.66 -27.98 13.24
H22 DMS L . 14.02 -26.34 12.79
H23 DMS L . 15.27 -27.38 13.38
S DMS M . -1.24 -8.11 14.16
O DMS M . -0.53 -8.81 13.06
C1 DMS M . -0.32 -6.64 14.67
C2 DMS M . -2.62 -7.23 13.40
H11 DMS M . 0.57 -6.93 15.17
H12 DMS M . -0.91 -6.06 15.35
H13 DMS M . -0.08 -6.05 13.83
H21 DMS M . -3.28 -7.92 12.97
H22 DMS M . -2.24 -6.57 12.65
H23 DMS M . -3.12 -6.66 14.14
S DMS N . 19.97 -19.86 9.62
O DMS N . 19.39 -19.03 8.50
C1 DMS N . 21.64 -20.37 9.14
C2 DMS N . 20.49 -18.65 10.83
H11 DMS N . 21.58 -21.03 8.31
H12 DMS N . 22.10 -20.88 9.95
H13 DMS N . 22.21 -19.52 8.87
H21 DMS N . 19.66 -18.08 11.16
H22 DMS N . 21.21 -18.00 10.41
H23 DMS N . 20.92 -19.15 11.68
S DMS O . -14.77 4.58 10.59
O DMS O . -16.05 3.98 10.17
C1 DMS O . -14.95 4.94 12.36
C2 DMS O . -13.62 3.21 10.71
H11 DMS O . -15.53 5.81 12.48
H12 DMS O . -13.99 5.07 12.79
H13 DMS O . -15.43 4.12 12.83
H21 DMS O . -13.32 2.91 9.73
H22 DMS O . -14.09 2.39 11.20
H23 DMS O . -12.77 3.50 11.26
S DMS P . 7.72 -26.78 17.30
O DMS P . 6.75 -25.92 16.55
C1 DMS P . 8.41 -28.18 16.37
C2 DMS P . 9.26 -25.84 17.31
H11 DMS P . 7.67 -28.93 16.27
H12 DMS P . 9.25 -28.57 16.88
H13 DMS P . 8.70 -27.85 15.41
H21 DMS P . 9.14 -24.96 17.88
H22 DMS P . 9.52 -25.59 16.32
H23 DMS P . 10.03 -26.44 17.73
C1 NAG Q . 4.44 -0.91 -24.47
C2 NAG Q . 4.46 -1.34 -25.93
C3 NAG Q . 5.25 -0.34 -26.78
C4 NAG Q . 4.77 1.08 -26.56
C5 NAG Q . 4.77 1.39 -25.06
C6 NAG Q . 4.22 2.76 -24.74
C7 NAG Q . 4.27 -3.78 -26.25
C8 NAG Q . 5.03 -5.07 -26.38
N2 NAG Q . 5.01 -2.68 -26.08
O3 NAG Q . 5.12 -0.69 -28.17
O4 NAG Q . 5.61 2.01 -27.23
O5 NAG Q . 3.96 0.44 -24.36
O6 NAG Q . 2.88 2.88 -25.21
O7 NAG Q . 3.05 -3.73 -26.33
H1 NAG Q . 5.35 -0.95 -24.11
H2 NAG Q . 3.54 -1.34 -26.26
H3 NAG Q . 6.20 -0.40 -26.53
H4 NAG Q . 3.86 1.17 -26.90
H5 NAG Q . 5.69 1.34 -24.72
H61 NAG Q . 4.77 3.44 -25.18
H62 NAG Q . 4.24 2.90 -23.78
H81 NAG Q . 4.40 -5.80 -26.52
H82 NAG Q . 5.53 -5.23 -25.56
H83 NAG Q . 5.64 -5.01 -27.13
HN2 NAG Q . 5.92 -2.78 -26.03
HO3 NAG Q . 5.41 0.00 -28.67
HO4 NAG Q . 5.12 2.65 -27.60
HO6 NAG Q . 2.60 3.72 -25.10
#